data_3T0K
#
_entry.id   3T0K
#
_cell.length_a   149.960
_cell.length_b   149.960
_cell.length_c   82.050
_cell.angle_alpha   90.00
_cell.angle_beta   90.00
_cell.angle_gamma   120.00
#
_symmetry.space_group_name_H-M   'P 62 2 2'
#
loop_
_entity.id
_entity.type
_entity.pdbx_description
1 polymer 'Sulfide-quinone reductase, putative'
2 non-polymer 'FLAVIN-ADENINE DINUCLEOTIDE'
3 non-polymer 2-decyl-5,6-dimethoxy-3-methylcyclohexa-2,5-diene-1,4-dione
4 non-polymer trisulfane
5 non-polymer 'HYDROSULFURIC ACID'
6 non-polymer 'SULFATE ION'
7 water water
#
_entity_poly.entity_id   1
_entity_poly.type   'polypeptide(L)'
_entity_poly.pdbx_seq_one_letter_code
;MRGSAHVVILGAGTGGMPAAYEMKEALGSGHEVTLISANDYFQFVPSNPWVGVGWKERDDIAFPIRHYVERKGIHFIAQS
AEQIDAEAQNITLADGNTVHYDYLMIATGPKLAFENVPGSDPHEGPVQSICTVDHAERAFAEYQALLREPGPIVIGAMAG
ASCFGPAYEYAMIVASDLKKRGMRDKIPSFTFITSEPYIGHLGIQGVGDSKGILTKGLKEEGIEAYTNCKVTKVEDNKMY
VTQVDEKGETIKEMVLPVKFGMMIPAFKGVPAVAGVEGLCNPGGFVLVDEHQRSKKYANIFAAGIAIAIPPVETTPVPTG
APKTGYMIESMVSAAVHNIKADLEGRKGEQTMGTWNAVCFADMGDRGAAFIALPQLKPRKVDVFAYGRWVHLAKVAFEKY
FIRKMKMGVSEPFYEKVLFKMMGITRLKEEDTHRKAS
;
_entity_poly.pdbx_strand_id   A
#
loop_
_chem_comp.id
_chem_comp.type
_chem_comp.name
_chem_comp.formula
DCQ non-polymer 2-decyl-5,6-dimethoxy-3-methylcyclohexa-2,5-diene-1,4-dione 'C19 H30 O4'
FAD non-polymer 'FLAVIN-ADENINE DINUCLEOTIDE' 'C27 H33 N9 O15 P2'
H2S non-polymer 'HYDROSULFURIC ACID' 'H2 S'
S3H non-polymer trisulfane 'H2 S3'
SO4 non-polymer 'SULFATE ION' 'O4 S -2'
#
# COMPACT_ATOMS: atom_id res chain seq x y z
N MET A 1 32.36 -0.18 -0.57
CA MET A 1 33.71 0.36 -0.37
C MET A 1 34.23 1.07 -1.61
N ARG A 2 35.31 1.82 -1.45
CA ARG A 2 35.89 2.57 -2.57
C ARG A 2 36.19 1.65 -3.76
N GLY A 3 35.66 2.02 -4.92
CA GLY A 3 35.87 1.24 -6.14
C GLY A 3 34.98 0.03 -6.22
N SER A 4 34.29 -0.26 -5.12
CA SER A 4 33.38 -1.39 -5.05
C SER A 4 32.20 -1.05 -4.15
N ALA A 5 31.41 -0.09 -4.62
CA ALA A 5 30.29 0.45 -3.84
C ALA A 5 29.37 -0.61 -3.26
N HIS A 6 29.01 -0.45 -1.99
CA HIS A 6 28.03 -1.32 -1.34
C HIS A 6 26.64 -0.69 -1.32
N VAL A 7 25.69 -1.33 -2.02
CA VAL A 7 24.33 -0.82 -2.11
C VAL A 7 23.38 -1.61 -1.22
N VAL A 8 22.64 -0.90 -0.38
CA VAL A 8 21.68 -1.51 0.51
C VAL A 8 20.25 -1.12 0.11
N ILE A 9 19.36 -2.10 0.03
CA ILE A 9 17.93 -1.82 -0.20
C ILE A 9 17.17 -2.08 1.09
N LEU A 10 16.44 -1.08 1.58
CA LEU A 10 15.77 -1.23 2.86
C LEU A 10 14.28 -1.52 2.60
N GLY A 11 13.85 -2.76 2.84
CA GLY A 11 12.46 -3.15 2.66
C GLY A 11 12.25 -4.06 1.46
N ALA A 12 11.68 -5.25 1.71
CA ALA A 12 11.48 -6.26 0.66
C ALA A 12 10.01 -6.41 0.29
N GLY A 13 9.45 -5.38 -0.32
CA GLY A 13 8.03 -5.38 -0.65
C GLY A 13 7.87 -5.26 -2.14
N THR A 14 6.77 -4.65 -2.58
CA THR A 14 6.48 -4.51 -4.00
C THR A 14 7.59 -3.74 -4.73
N GLY A 15 8.10 -2.68 -4.10
CA GLY A 15 9.20 -1.93 -4.67
C GLY A 15 10.56 -2.54 -4.35
N GLY A 16 10.76 -2.91 -3.09
CA GLY A 16 12.08 -3.32 -2.61
C GLY A 16 12.63 -4.63 -3.16
N MET A 17 11.77 -5.62 -3.35
CA MET A 17 12.22 -6.91 -3.84
C MET A 17 12.71 -6.83 -5.28
N PRO A 18 11.88 -6.28 -6.16
CA PRO A 18 12.36 -5.98 -7.52
C PRO A 18 13.62 -5.11 -7.47
N ALA A 19 13.67 -4.14 -6.57
CA ALA A 19 14.86 -3.27 -6.50
C ALA A 19 16.13 -4.05 -6.26
N ALA A 20 16.05 -5.08 -5.43
CA ALA A 20 17.23 -5.88 -5.11
C ALA A 20 17.73 -6.64 -6.33
N TYR A 21 16.83 -7.36 -6.98
CA TYR A 21 17.19 -8.08 -8.19
C TYR A 21 17.75 -7.13 -9.26
N GLU A 22 17.07 -6.02 -9.47
CA GLU A 22 17.46 -5.12 -10.56
C GLU A 22 18.81 -4.48 -10.26
N MET A 23 19.01 -4.09 -9.00
CA MET A 23 20.26 -3.49 -8.60
C MET A 23 21.40 -4.47 -8.87
N LYS A 24 21.22 -5.70 -8.41
CA LYS A 24 22.27 -6.70 -8.58
C LYS A 24 22.56 -6.95 -10.05
N GLU A 25 21.52 -7.05 -10.86
CA GLU A 25 21.69 -7.27 -12.29
C GLU A 25 22.45 -6.11 -12.90
N ALA A 26 22.10 -4.90 -12.49
CA ALA A 26 22.68 -3.68 -13.03
C ALA A 26 24.15 -3.57 -12.70
N LEU A 27 24.51 -3.91 -11.46
CA LEU A 27 25.86 -3.70 -10.95
C LEU A 27 26.81 -4.87 -11.19
N GLY A 28 26.34 -6.09 -10.98
CA GLY A 28 27.16 -7.26 -11.25
C GLY A 28 28.01 -7.71 -10.07
N SER A 29 28.96 -8.60 -10.33
CA SER A 29 29.73 -9.25 -9.28
C SER A 29 30.68 -8.33 -8.52
N GLY A 30 30.99 -7.17 -9.08
CA GLY A 30 31.96 -6.27 -8.48
C GLY A 30 31.43 -5.42 -7.35
N HIS A 31 30.11 -5.43 -7.17
CA HIS A 31 29.46 -4.63 -6.13
C HIS A 31 28.61 -5.51 -5.23
N GLU A 32 28.54 -5.14 -3.96
CA GLU A 32 27.74 -5.88 -2.99
C GLU A 32 26.34 -5.30 -2.94
N VAL A 33 25.33 -6.17 -3.01
CA VAL A 33 23.94 -5.73 -2.84
C VAL A 33 23.32 -6.47 -1.67
N THR A 34 22.84 -5.70 -0.70
CA THR A 34 22.25 -6.23 0.50
C THR A 34 20.80 -5.80 0.57
N LEU A 35 19.90 -6.76 0.80
CA LEU A 35 18.48 -6.46 1.03
C LEU A 35 18.17 -6.65 2.49
N ILE A 36 17.58 -5.64 3.11
CA ILE A 36 17.25 -5.69 4.54
C ILE A 36 15.76 -5.52 4.73
N SER A 37 15.12 -6.44 5.45
CA SER A 37 13.68 -6.31 5.68
C SER A 37 13.22 -6.84 7.03
N ALA A 38 12.14 -6.24 7.54
CA ALA A 38 11.56 -6.59 8.82
C ALA A 38 11.05 -8.04 8.87
N ASN A 39 10.57 -8.55 7.73
CA ASN A 39 10.07 -9.93 7.67
C ASN A 39 10.96 -10.78 6.79
N ASP A 40 11.02 -12.09 7.05
CA ASP A 40 11.79 -12.99 6.19
C ASP A 40 10.99 -13.51 5.00
N TYR A 41 9.79 -12.96 4.79
CA TYR A 41 8.93 -13.42 3.70
C TYR A 41 8.39 -12.25 2.87
N PHE A 42 8.13 -12.50 1.58
CA PHE A 42 7.46 -11.54 0.72
C PHE A 42 5.99 -11.86 0.74
N GLN A 43 5.16 -10.82 0.77
CA GLN A 43 3.72 -11.00 0.65
C GLN A 43 3.18 -10.15 -0.50
N PHE A 44 2.27 -10.71 -1.28
CA PHE A 44 1.65 -9.97 -2.36
C PHE A 44 0.47 -9.19 -1.80
N VAL A 45 0.68 -7.90 -1.53
CA VAL A 45 -0.27 -7.18 -0.68
C VAL A 45 -1.70 -7.02 -1.24
N PRO A 46 -1.85 -6.84 -2.57
CA PRO A 46 -3.20 -6.73 -3.14
C PRO A 46 -4.09 -7.93 -2.86
N SER A 47 -3.50 -9.03 -2.37
CA SER A 47 -4.29 -10.22 -2.05
C SER A 47 -4.85 -10.21 -0.63
N ASN A 48 -4.38 -9.28 0.19
CA ASN A 48 -4.72 -9.29 1.61
C ASN A 48 -6.22 -9.18 1.96
N PRO A 49 -6.96 -8.30 1.27
CA PRO A 49 -8.42 -8.27 1.42
C PRO A 49 -9.06 -9.66 1.31
N TRP A 50 -8.65 -10.44 0.33
CA TRP A 50 -9.15 -11.81 0.18
C TRP A 50 -8.73 -12.71 1.34
N VAL A 51 -7.52 -12.53 1.84
CA VAL A 51 -7.13 -13.26 3.04
C VAL A 51 -8.09 -12.87 4.17
N GLY A 52 -8.44 -11.58 4.20
CA GLY A 52 -9.24 -11.04 5.29
C GLY A 52 -10.67 -11.54 5.32
N VAL A 53 -11.13 -12.10 4.20
CA VAL A 53 -12.46 -12.71 4.16
C VAL A 53 -12.36 -14.23 4.05
N GLY A 54 -11.13 -14.75 4.00
CA GLY A 54 -10.93 -16.19 4.01
C GLY A 54 -10.99 -16.81 2.62
N TRP A 55 -10.90 -15.98 1.60
CA TRP A 55 -10.93 -16.43 0.22
C TRP A 55 -9.54 -16.80 -0.30
N LYS A 56 -8.51 -16.36 0.42
CA LYS A 56 -7.14 -16.81 0.18
C LYS A 56 -6.47 -17.13 1.50
N GLU A 57 -5.36 -17.84 1.45
CA GLU A 57 -4.58 -18.12 2.64
C GLU A 57 -3.14 -17.63 2.48
N ARG A 58 -2.47 -17.46 3.62
CA ARG A 58 -1.11 -16.94 3.65
C ARG A 58 -0.18 -17.65 2.65
N ASP A 59 -0.19 -18.97 2.65
CA ASP A 59 0.73 -19.70 1.78
C ASP A 59 0.43 -19.57 0.29
N ASP A 60 -0.70 -18.96 -0.04
CA ASP A 60 -1.01 -18.69 -1.44
C ASP A 60 -0.36 -17.38 -1.87
N ILE A 61 -0.16 -16.47 -0.92
CA ILE A 61 0.28 -15.13 -1.25
C ILE A 61 1.62 -14.73 -0.65
N ALA A 62 2.24 -15.61 0.13
CA ALA A 62 3.52 -15.28 0.76
C ALA A 62 4.52 -16.41 0.64
N PHE A 63 5.80 -16.05 0.63
CA PHE A 63 6.86 -17.05 0.56
C PHE A 63 8.14 -16.50 1.20
N PRO A 64 9.01 -17.39 1.69
CA PRO A 64 10.29 -17.00 2.29
C PRO A 64 11.24 -16.42 1.25
N ILE A 65 11.92 -15.34 1.60
CA ILE A 65 12.73 -14.60 0.64
C ILE A 65 14.15 -15.16 0.43
N ARG A 66 14.77 -15.63 1.51
CA ARG A 66 16.22 -15.87 1.52
C ARG A 66 16.75 -16.59 0.27
N HIS A 67 16.27 -17.81 0.03
CA HIS A 67 16.79 -18.61 -1.06
C HIS A 67 16.73 -17.89 -2.41
N TYR A 68 15.63 -17.22 -2.68
CA TYR A 68 15.45 -16.64 -4.00
C TYR A 68 16.42 -15.49 -4.31
N VAL A 69 16.69 -14.62 -3.35
CA VAL A 69 17.60 -13.51 -3.60
C VAL A 69 19.05 -13.96 -3.45
N GLU A 70 19.30 -14.85 -2.51
CA GLU A 70 20.67 -15.33 -2.30
C GLU A 70 21.24 -16.03 -3.52
N ARG A 71 20.39 -16.75 -4.26
CA ARG A 71 20.90 -17.51 -5.39
C ARG A 71 21.21 -16.55 -6.54
N LYS A 72 20.86 -15.29 -6.35
CA LYS A 72 21.17 -14.25 -7.31
C LYS A 72 22.39 -13.44 -6.87
N GLY A 73 22.99 -13.82 -5.74
CA GLY A 73 24.16 -13.12 -5.22
C GLY A 73 23.81 -11.97 -4.30
N ILE A 74 22.54 -11.87 -3.92
CA ILE A 74 22.05 -10.81 -3.05
C ILE A 74 22.12 -11.25 -1.58
N HIS A 75 22.66 -10.38 -0.73
CA HIS A 75 22.77 -10.70 0.70
C HIS A 75 21.47 -10.31 1.38
N PHE A 76 20.90 -11.24 2.15
CA PHE A 76 19.61 -10.95 2.79
C PHE A 76 19.67 -10.92 4.32
N ILE A 77 19.16 -9.85 4.90
CA ILE A 77 19.14 -9.71 6.35
C ILE A 77 17.70 -9.55 6.80
N ALA A 78 17.17 -10.54 7.50
CA ALA A 78 15.78 -10.50 7.94
C ALA A 78 15.70 -9.79 9.28
N GLN A 79 15.95 -8.50 9.26
CA GLN A 79 15.98 -7.70 10.47
C GLN A 79 15.41 -6.32 10.17
N SER A 80 14.66 -5.77 11.11
CA SER A 80 14.18 -4.40 10.95
C SER A 80 15.30 -3.38 11.25
N ALA A 81 15.42 -2.33 10.42
CA ALA A 81 16.29 -1.20 10.76
C ALA A 81 15.59 -0.33 11.79
N GLU A 82 16.33 0.09 12.82
CA GLU A 82 15.75 0.89 13.89
C GLU A 82 16.28 2.32 13.82
N GLN A 83 17.47 2.47 13.26
CA GLN A 83 18.09 3.78 13.21
C GLN A 83 18.88 3.88 11.92
N ILE A 84 18.84 5.04 11.30
CA ILE A 84 19.69 5.31 10.15
C ILE A 84 20.47 6.57 10.42
N ASP A 85 21.80 6.45 10.40
CA ASP A 85 22.68 7.58 10.59
C ASP A 85 23.15 8.01 9.21
N ALA A 86 22.54 9.07 8.68
CA ALA A 86 22.81 9.49 7.32
C ALA A 86 24.23 10.03 7.16
N GLU A 87 24.78 10.59 8.24
CA GLU A 87 26.12 11.18 8.18
C GLU A 87 27.24 10.14 8.11
N ALA A 88 27.16 9.12 8.96
CA ALA A 88 28.15 8.05 8.95
C ALA A 88 27.77 6.94 7.97
N GLN A 89 26.53 6.96 7.50
CA GLN A 89 26.05 6.00 6.53
C GLN A 89 25.99 4.62 7.17
N ASN A 90 25.43 4.59 8.38
CA ASN A 90 25.28 3.36 9.15
C ASN A 90 23.83 3.09 9.49
N ILE A 91 23.41 1.86 9.28
CA ILE A 91 22.09 1.42 9.66
C ILE A 91 22.23 0.55 10.90
N THR A 92 21.46 0.88 11.94
CA THR A 92 21.43 0.07 13.15
C THR A 92 20.22 -0.85 13.11
N LEU A 93 20.45 -2.15 13.19
CA LEU A 93 19.38 -3.15 13.13
C LEU A 93 18.75 -3.40 14.50
N ALA A 94 17.59 -4.05 14.51
CA ALA A 94 16.91 -4.41 15.75
C ALA A 94 17.81 -5.15 16.75
N ASP A 95 18.69 -6.01 16.25
CA ASP A 95 19.57 -6.80 17.13
C ASP A 95 20.83 -6.02 17.52
N GLY A 96 20.89 -4.75 17.15
CA GLY A 96 21.99 -3.89 17.57
C GLY A 96 23.20 -3.87 16.65
N ASN A 97 23.23 -4.79 15.69
CA ASN A 97 24.26 -4.80 14.64
C ASN A 97 24.14 -3.60 13.75
N THR A 98 25.26 -3.16 13.17
CA THR A 98 25.17 -2.06 12.22
C THR A 98 25.60 -2.49 10.83
N VAL A 99 24.94 -1.93 9.81
CA VAL A 99 25.31 -2.19 8.43
C VAL A 99 25.66 -0.88 7.75
N HIS A 100 26.85 -0.82 7.16
CA HIS A 100 27.30 0.37 6.46
C HIS A 100 26.90 0.31 4.98
N TYR A 101 26.59 1.46 4.40
CA TYR A 101 26.28 1.51 2.97
C TYR A 101 27.06 2.62 2.29
N ASP A 102 27.29 2.47 0.99
CA ASP A 102 27.71 3.58 0.13
C ASP A 102 26.51 4.23 -0.54
N TYR A 103 25.54 3.40 -0.94
CA TYR A 103 24.25 3.89 -1.42
C TYR A 103 23.13 3.16 -0.67
N LEU A 104 22.07 3.90 -0.35
CA LEU A 104 20.92 3.33 0.32
C LEU A 104 19.69 3.59 -0.52
N MET A 105 18.90 2.56 -0.80
CA MET A 105 17.61 2.79 -1.42
C MET A 105 16.50 2.39 -0.46
N ILE A 106 15.73 3.38 -0.03
CA ILE A 106 14.67 3.19 0.96
C ILE A 106 13.39 2.77 0.25
N ALA A 107 12.86 1.61 0.63
CA ALA A 107 11.62 1.09 0.05
C ALA A 107 10.77 0.51 1.19
N THR A 108 10.59 1.31 2.24
CA THR A 108 10.04 0.79 3.49
C THR A 108 8.49 0.82 3.56
N GLY A 109 7.83 1.33 2.52
CA GLY A 109 6.38 1.32 2.52
C GLY A 109 5.80 2.17 3.63
N PRO A 110 4.57 1.87 4.05
CA PRO A 110 3.88 2.72 5.02
C PRO A 110 3.99 2.26 6.47
N LYS A 111 4.05 3.23 7.39
CA LYS A 111 3.71 2.96 8.77
C LYS A 111 2.19 3.11 8.84
N LEU A 112 1.50 2.12 9.41
CA LEU A 112 0.06 2.21 9.54
C LEU A 112 -0.20 3.06 10.78
N ALA A 113 -0.73 4.26 10.58
CA ALA A 113 -0.83 5.20 11.68
C ALA A 113 -2.10 4.99 12.50
N PHE A 114 -2.22 3.83 13.13
CA PHE A 114 -3.38 3.54 13.97
C PHE A 114 -3.45 4.54 15.13
N GLU A 115 -2.30 5.12 15.50
CA GLU A 115 -2.25 6.04 16.62
C GLU A 115 -3.02 7.35 16.38
N ASN A 116 -3.38 7.63 15.14
CA ASN A 116 -4.20 8.79 14.81
C ASN A 116 -5.60 8.69 15.41
N VAL A 117 -6.08 7.46 15.55
CA VAL A 117 -7.40 7.22 16.10
C VAL A 117 -7.30 6.30 17.31
N PRO A 118 -7.33 6.89 18.52
CA PRO A 118 -7.23 6.10 19.75
C PRO A 118 -8.21 4.94 19.70
N GLY A 119 -7.72 3.74 20.03
CA GLY A 119 -8.55 2.54 20.00
C GLY A 119 -8.65 1.80 18.65
N SER A 120 -8.12 2.39 17.58
CA SER A 120 -8.31 1.79 16.25
C SER A 120 -7.29 0.69 15.90
N ASP A 121 -6.26 0.55 16.73
CA ASP A 121 -5.28 -0.52 16.48
C ASP A 121 -5.99 -1.85 16.54
N PRO A 122 -5.68 -2.74 15.60
CA PRO A 122 -6.34 -4.04 15.54
C PRO A 122 -6.24 -4.83 16.84
N HIS A 123 -5.24 -4.53 17.66
CA HIS A 123 -5.11 -5.19 18.96
C HIS A 123 -5.82 -4.47 20.12
N GLU A 124 -6.44 -3.32 19.83
CA GLU A 124 -7.07 -2.50 20.86
C GLU A 124 -8.60 -2.56 20.88
N GLY A 125 -9.19 -3.05 19.80
CA GLY A 125 -10.63 -3.12 19.72
C GLY A 125 -11.10 -3.91 18.51
N PRO A 126 -12.38 -3.75 18.13
CA PRO A 126 -13.00 -4.52 17.06
C PRO A 126 -12.68 -3.99 15.67
N VAL A 127 -11.95 -2.89 15.57
CA VAL A 127 -11.64 -2.36 14.24
C VAL A 127 -10.35 -2.98 13.72
N GLN A 128 -10.48 -3.81 12.70
CA GLN A 128 -9.34 -4.56 12.20
C GLN A 128 -8.75 -3.89 10.97
N SER A 129 -7.82 -4.57 10.31
CA SER A 129 -7.19 -4.00 9.12
C SER A 129 -6.73 -5.11 8.17
N ILE A 130 -6.67 -4.80 6.87
CA ILE A 130 -6.27 -5.82 5.90
C ILE A 130 -5.06 -5.45 5.04
N CYS A 131 -4.23 -4.51 5.52
CA CYS A 131 -3.08 -4.05 4.73
C CYS A 131 -1.91 -5.04 4.77
N THR A 132 -1.82 -5.85 5.82
CA THR A 132 -0.74 -6.83 5.92
C THR A 132 -1.35 -8.21 6.07
N VAL A 133 -0.59 -9.24 5.69
CA VAL A 133 -1.12 -10.58 5.80
C VAL A 133 -1.31 -10.98 7.26
N ASP A 134 -0.46 -10.44 8.14
CA ASP A 134 -0.63 -10.68 9.57
C ASP A 134 -1.99 -10.15 10.03
N HIS A 135 -2.31 -8.93 9.62
CA HIS A 135 -3.54 -8.28 10.06
C HIS A 135 -4.80 -8.85 9.38
N ALA A 136 -4.67 -9.22 8.11
CA ALA A 136 -5.77 -9.84 7.38
C ALA A 136 -6.20 -11.18 7.98
N GLU A 137 -5.24 -11.96 8.47
CA GLU A 137 -5.57 -13.19 9.18
C GLU A 137 -6.37 -12.86 10.44
N ARG A 138 -5.87 -11.89 11.19
CA ARG A 138 -6.58 -11.42 12.38
C ARG A 138 -7.96 -10.90 11.98
N ALA A 139 -8.05 -10.21 10.84
CA ALA A 139 -9.36 -9.76 10.34
C ALA A 139 -10.29 -10.96 10.10
N PHE A 140 -9.78 -11.99 9.45
CA PHE A 140 -10.60 -13.15 9.16
C PHE A 140 -11.03 -13.85 10.44
N ALA A 141 -10.10 -13.96 11.38
CA ALA A 141 -10.39 -14.60 12.66
C ALA A 141 -11.58 -13.91 13.31
N GLU A 142 -11.55 -12.59 13.31
CA GLU A 142 -12.65 -11.81 13.88
C GLU A 142 -13.93 -12.01 13.05
N TYR A 143 -13.77 -12.06 11.73
CA TYR A 143 -14.92 -12.32 10.86
C TYR A 143 -15.60 -13.63 11.27
N GLN A 144 -14.80 -14.67 11.47
CA GLN A 144 -15.32 -15.95 11.96
C GLN A 144 -16.07 -15.80 13.29
N ALA A 145 -15.66 -14.82 14.08
CA ALA A 145 -16.27 -14.59 15.39
C ALA A 145 -17.58 -13.79 15.28
N LEU A 146 -17.70 -13.01 14.20
CA LEU A 146 -18.96 -12.34 13.89
C LEU A 146 -19.96 -13.35 13.34
N LEU A 147 -19.45 -14.39 12.69
CA LEU A 147 -20.29 -15.46 12.16
C LEU A 147 -21.00 -16.14 13.31
N ARG A 148 -20.30 -16.25 14.44
CA ARG A 148 -20.86 -16.90 15.61
C ARG A 148 -21.84 -16.00 16.37
N GLU A 149 -21.48 -14.74 16.54
CA GLU A 149 -22.33 -13.79 17.25
C GLU A 149 -22.56 -12.51 16.45
N PRO A 150 -23.44 -12.59 15.44
CA PRO A 150 -23.69 -11.49 14.49
C PRO A 150 -24.00 -10.15 15.16
N GLY A 151 -23.59 -9.06 14.52
CA GLY A 151 -23.75 -7.72 15.06
C GLY A 151 -23.43 -6.68 14.01
N PRO A 152 -23.33 -5.39 14.41
CA PRO A 152 -23.19 -4.31 13.43
C PRO A 152 -21.81 -4.32 12.75
N ILE A 153 -21.79 -4.02 11.46
CA ILE A 153 -20.55 -4.00 10.71
C ILE A 153 -20.19 -2.60 10.23
N VAL A 154 -18.94 -2.21 10.40
CA VAL A 154 -18.49 -0.92 9.89
C VAL A 154 -17.16 -1.06 9.15
N ILE A 155 -17.22 -0.87 7.84
CA ILE A 155 -16.02 -0.94 7.00
C ILE A 155 -15.80 0.42 6.35
N GLY A 156 -14.55 0.78 6.08
CA GLY A 156 -14.28 2.05 5.43
C GLY A 156 -12.82 2.50 5.49
N ALA A 157 -12.61 3.81 5.53
CA ALA A 157 -11.28 4.37 5.44
C ALA A 157 -11.19 5.61 6.31
N MET A 158 -10.14 5.68 7.14
CA MET A 158 -9.95 6.73 8.12
C MET A 158 -9.59 8.05 7.44
N ALA A 159 -9.66 9.14 8.20
CA ALA A 159 -9.11 10.39 7.73
C ALA A 159 -7.63 10.16 7.41
N GLY A 160 -7.13 10.79 6.36
CA GLY A 160 -5.73 10.67 6.05
C GLY A 160 -5.41 9.45 5.21
N ALA A 161 -6.34 8.51 5.09
CA ALA A 161 -6.10 7.35 4.23
C ALA A 161 -5.78 7.76 2.78
N SER A 162 -5.08 6.90 2.05
CA SER A 162 -4.77 7.18 0.65
C SER A 162 -5.07 5.96 -0.21
N CYS A 163 -5.49 4.89 0.44
CA CYS A 163 -5.71 3.60 -0.21
CA CYS A 163 -5.74 3.63 -0.26
C CYS A 163 -7.17 3.15 -0.08
N PHE A 164 -8.06 3.64 -0.93
CA PHE A 164 -9.51 3.43 -0.77
C PHE A 164 -10.08 2.21 -1.46
N GLY A 165 -9.50 1.86 -2.61
CA GLY A 165 -9.95 0.70 -3.35
C GLY A 165 -10.23 -0.51 -2.46
N PRO A 166 -9.22 -0.92 -1.68
CA PRO A 166 -9.32 -2.06 -0.77
C PRO A 166 -10.50 -1.94 0.19
N ALA A 167 -10.82 -0.74 0.65
CA ALA A 167 -11.99 -0.59 1.53
C ALA A 167 -13.27 -1.00 0.81
N TYR A 168 -13.49 -0.45 -0.40
CA TYR A 168 -14.65 -0.87 -1.22
C TYR A 168 -14.64 -2.36 -1.50
N GLU A 169 -13.48 -2.86 -1.90
CA GLU A 169 -13.30 -4.29 -2.14
C GLU A 169 -13.67 -5.13 -0.92
N TYR A 170 -13.13 -4.78 0.24
CA TYR A 170 -13.39 -5.60 1.42
C TYR A 170 -14.88 -5.58 1.76
N ALA A 171 -15.48 -4.39 1.70
CA ALA A 171 -16.91 -4.28 1.98
C ALA A 171 -17.75 -5.13 1.01
N MET A 172 -17.34 -5.20 -0.26
CA MET A 172 -18.15 -5.96 -1.22
C MET A 172 -18.02 -7.45 -1.01
N ILE A 173 -16.80 -7.92 -0.74
CA ILE A 173 -16.59 -9.37 -0.62
C ILE A 173 -17.13 -9.92 0.70
N VAL A 174 -17.10 -9.10 1.74
CA VAL A 174 -17.74 -9.47 3.00
C VAL A 174 -19.25 -9.66 2.76
N ALA A 175 -19.88 -8.67 2.12
CA ALA A 175 -21.28 -8.80 1.75
C ALA A 175 -21.48 -10.10 0.98
N SER A 176 -20.66 -10.28 -0.06
CA SER A 176 -20.78 -11.45 -0.91
C SER A 176 -20.66 -12.75 -0.10
N ASP A 177 -19.75 -12.76 0.86
CA ASP A 177 -19.49 -13.97 1.64
C ASP A 177 -20.59 -14.23 2.66
N LEU A 178 -21.16 -13.17 3.21
CA LEU A 178 -22.26 -13.28 4.16
C LEU A 178 -23.43 -14.04 3.53
N LYS A 179 -23.51 -14.02 2.20
CA LYS A 179 -24.60 -14.66 1.48
C LYS A 179 -24.26 -16.08 1.07
N LYS A 180 -23.05 -16.28 0.56
CA LYS A 180 -22.60 -17.60 0.13
C LYS A 180 -22.57 -18.58 1.32
N ARG A 181 -22.52 -18.03 2.53
CA ARG A 181 -22.68 -18.82 3.74
C ARG A 181 -24.13 -18.74 4.16
N GLY A 182 -24.82 -17.73 3.63
CA GLY A 182 -26.19 -17.48 4.00
C GLY A 182 -26.29 -17.01 5.44
N MET A 183 -26.04 -15.72 5.65
CA MET A 183 -26.20 -15.12 6.98
C MET A 183 -26.24 -13.60 6.94
N ARG A 184 -26.43 -13.06 5.75
CA ARG A 184 -26.46 -11.61 5.55
C ARG A 184 -27.56 -10.99 6.38
N ASP A 185 -28.73 -11.63 6.39
CA ASP A 185 -29.89 -11.11 7.08
C ASP A 185 -29.72 -10.99 8.59
N LYS A 186 -28.64 -11.53 9.13
CA LYS A 186 -28.37 -11.46 10.57
C LYS A 186 -27.74 -10.14 11.00
N ILE A 187 -27.43 -9.28 10.05
CA ILE A 187 -26.72 -8.04 10.37
C ILE A 187 -27.70 -6.88 10.54
N PRO A 188 -27.66 -6.22 11.70
CA PRO A 188 -28.60 -5.13 12.03
C PRO A 188 -28.27 -3.87 11.23
N SER A 189 -26.98 -3.67 10.96
CA SER A 189 -26.49 -2.49 10.23
C SER A 189 -25.09 -2.71 9.63
N PHE A 190 -25.02 -2.64 8.31
CA PHE A 190 -23.77 -2.73 7.57
C PHE A 190 -23.51 -1.32 7.09
N THR A 191 -22.41 -0.73 7.54
CA THR A 191 -22.15 0.69 7.30
C THR A 191 -20.77 0.95 6.68
N PHE A 192 -20.72 1.76 5.63
CA PHE A 192 -19.47 2.14 5.03
C PHE A 192 -19.14 3.57 5.44
N ILE A 193 -18.00 3.74 6.09
CA ILE A 193 -17.58 5.07 6.56
C ILE A 193 -16.32 5.48 5.83
N THR A 194 -16.36 6.62 5.16
CA THR A 194 -15.17 7.07 4.46
C THR A 194 -14.88 8.56 4.62
N SER A 195 -13.60 8.88 4.60
CA SER A 195 -13.12 10.25 4.61
C SER A 195 -13.22 10.90 3.22
N GLU A 196 -13.45 10.11 2.18
CA GLU A 196 -13.71 10.65 0.85
C GLU A 196 -14.83 11.68 0.89
N PRO A 197 -14.72 12.76 0.10
CA PRO A 197 -15.82 13.73 0.04
C PRO A 197 -17.07 13.15 -0.63
N TYR A 198 -16.90 12.14 -1.48
CA TYR A 198 -18.02 11.40 -2.06
C TYR A 198 -17.59 9.97 -2.41
N ILE A 199 -18.56 9.06 -2.51
CA ILE A 199 -18.27 7.67 -2.87
C ILE A 199 -17.51 7.61 -4.21
N GLY A 200 -16.41 6.87 -4.23
CA GLY A 200 -15.66 6.68 -5.48
C GLY A 200 -14.73 7.82 -5.85
N HIS A 201 -14.47 8.71 -4.89
CA HIS A 201 -13.47 9.75 -5.05
C HIS A 201 -12.12 9.09 -5.13
N LEU A 202 -11.96 8.06 -4.30
CA LEU A 202 -10.78 7.19 -4.32
C LEU A 202 -9.47 7.91 -4.07
N GLY A 203 -9.56 9.11 -3.49
CA GLY A 203 -8.36 9.91 -3.28
C GLY A 203 -7.80 10.49 -4.57
N ILE A 204 -8.51 10.33 -5.69
CA ILE A 204 -8.02 10.82 -6.97
C ILE A 204 -9.04 11.67 -7.73
N GLN A 205 -10.01 12.23 -7.01
CA GLN A 205 -11.07 13.04 -7.60
C GLN A 205 -11.96 12.23 -8.55
N GLY A 206 -12.09 10.94 -8.25
CA GLY A 206 -12.95 10.07 -9.02
C GLY A 206 -12.26 9.63 -10.29
N VAL A 207 -12.75 8.56 -10.89
CA VAL A 207 -12.17 8.08 -12.13
C VAL A 207 -13.29 7.41 -12.92
N GLY A 208 -13.49 7.86 -14.15
CA GLY A 208 -14.60 7.41 -14.94
C GLY A 208 -15.87 7.59 -14.13
N ASP A 209 -16.73 6.58 -14.15
CA ASP A 209 -17.94 6.65 -13.34
C ASP A 209 -17.79 5.87 -12.03
N SER A 210 -16.62 5.99 -11.37
CA SER A 210 -16.40 5.33 -10.09
C SER A 210 -17.49 5.66 -9.06
N LYS A 211 -17.95 6.91 -9.05
CA LYS A 211 -18.97 7.31 -8.10
C LYS A 211 -20.23 6.48 -8.27
N GLY A 212 -20.75 6.44 -9.48
CA GLY A 212 -22.06 5.85 -9.73
C GLY A 212 -21.99 4.36 -9.52
N ILE A 213 -20.90 3.77 -9.95
CA ILE A 213 -20.76 2.33 -9.92
C ILE A 213 -20.59 1.81 -8.49
N LEU A 214 -19.73 2.49 -7.72
CA LEU A 214 -19.53 2.13 -6.33
C LEU A 214 -20.76 2.46 -5.47
N THR A 215 -21.39 3.60 -5.72
CA THR A 215 -22.62 3.95 -4.99
C THR A 215 -23.69 2.87 -5.19
N LYS A 216 -23.91 2.50 -6.44
CA LYS A 216 -24.87 1.46 -6.80
C LYS A 216 -24.50 0.11 -6.18
N GLY A 217 -23.20 -0.19 -6.15
CA GLY A 217 -22.71 -1.44 -5.58
C GLY A 217 -23.00 -1.56 -4.09
N LEU A 218 -22.68 -0.52 -3.33
CA LEU A 218 -22.97 -0.51 -1.90
C LEU A 218 -24.49 -0.65 -1.61
N LYS A 219 -25.32 0.05 -2.37
CA LYS A 219 -26.77 -0.10 -2.24
C LYS A 219 -27.25 -1.53 -2.52
N GLU A 220 -26.83 -2.08 -3.65
CA GLU A 220 -27.15 -3.45 -4.01
C GLU A 220 -26.89 -4.44 -2.87
N GLU A 221 -25.84 -4.20 -2.10
CA GLU A 221 -25.46 -5.11 -1.04
C GLU A 221 -26.12 -4.79 0.30
N GLY A 222 -26.95 -3.74 0.31
CA GLY A 222 -27.60 -3.27 1.53
C GLY A 222 -26.63 -2.65 2.52
N ILE A 223 -25.67 -1.87 2.01
CA ILE A 223 -24.69 -1.18 2.85
C ILE A 223 -24.94 0.32 2.86
N GLU A 224 -25.12 0.89 4.05
CA GLU A 224 -25.36 2.32 4.18
C GLU A 224 -24.04 3.08 4.25
N ALA A 225 -23.92 4.12 3.44
CA ALA A 225 -22.64 4.80 3.22
C ALA A 225 -22.64 6.26 3.67
N TYR A 226 -21.58 6.66 4.35
CA TYR A 226 -21.39 8.03 4.81
C TYR A 226 -20.06 8.56 4.33
N THR A 227 -20.07 9.76 3.77
CA THR A 227 -18.83 10.36 3.29
C THR A 227 -18.45 11.53 4.17
N ASN A 228 -17.28 12.13 3.89
CA ASN A 228 -16.81 13.24 4.67
C ASN A 228 -16.75 12.94 6.17
N CYS A 229 -16.34 11.72 6.50
CA CYS A 229 -16.29 11.27 7.89
C CYS A 229 -14.87 11.10 8.43
N LYS A 230 -14.67 11.45 9.70
CA LYS A 230 -13.43 11.18 10.40
C LYS A 230 -13.79 10.49 11.71
N VAL A 231 -13.07 9.43 12.03
CA VAL A 231 -13.29 8.72 13.29
C VAL A 231 -12.43 9.32 14.40
N THR A 232 -13.07 9.84 15.44
CA THR A 232 -12.35 10.51 16.52
C THR A 232 -11.72 9.51 17.49
N LYS A 233 -12.41 8.39 17.73
CA LYS A 233 -11.89 7.35 18.59
C LYS A 233 -12.74 6.09 18.45
N VAL A 234 -12.14 4.95 18.77
CA VAL A 234 -12.87 3.70 18.93
C VAL A 234 -12.80 3.30 20.39
N GLU A 235 -13.93 3.13 21.05
CA GLU A 235 -13.94 2.91 22.48
C GLU A 235 -15.20 2.19 22.92
N ASP A 236 -15.04 1.23 23.83
CA ASP A 236 -16.16 0.45 24.34
C ASP A 236 -16.87 -0.29 23.20
N ASN A 237 -16.13 -0.60 22.14
CA ASN A 237 -16.70 -1.26 20.99
C ASN A 237 -17.68 -0.36 20.26
N LYS A 238 -17.43 0.94 20.34
CA LYS A 238 -18.19 1.91 19.60
C LYS A 238 -17.24 2.81 18.82
N MET A 239 -17.62 3.10 17.59
CA MET A 239 -16.82 3.95 16.74
C MET A 239 -17.46 5.32 16.83
N TYR A 240 -16.66 6.33 17.17
CA TYR A 240 -17.21 7.67 17.29
C TYR A 240 -16.87 8.46 16.02
N VAL A 241 -17.91 8.80 15.27
CA VAL A 241 -17.72 9.42 13.96
C VAL A 241 -18.20 10.85 13.92
N THR A 242 -17.38 11.73 13.36
CA THR A 242 -17.81 13.09 13.06
C THR A 242 -17.92 13.24 11.53
N GLN A 243 -19.08 13.67 11.06
CA GLN A 243 -19.28 13.95 9.64
C GLN A 243 -19.22 15.45 9.44
N VAL A 244 -18.46 15.91 8.46
CA VAL A 244 -18.32 17.35 8.26
C VAL A 244 -18.93 17.81 6.93
N ASP A 245 -19.00 19.13 6.75
CA ASP A 245 -19.45 19.71 5.49
C ASP A 245 -18.25 20.20 4.68
N GLU A 246 -18.52 20.79 3.51
CA GLU A 246 -17.48 21.24 2.59
C GLU A 246 -16.43 22.16 3.22
N LYS A 247 -16.80 22.82 4.32
CA LYS A 247 -15.90 23.76 4.98
C LYS A 247 -15.31 23.22 6.28
N GLY A 248 -15.65 21.98 6.63
CA GLY A 248 -15.11 21.34 7.81
C GLY A 248 -16.00 21.36 9.04
N GLU A 249 -17.09 22.12 8.95
CA GLU A 249 -18.02 22.23 10.07
C GLU A 249 -18.73 20.90 10.32
N THR A 250 -18.92 20.55 11.59
CA THR A 250 -19.66 19.34 11.92
C THR A 250 -21.11 19.43 11.45
N ILE A 251 -21.58 18.39 10.76
CA ILE A 251 -22.99 18.33 10.38
C ILE A 251 -23.67 17.17 11.09
N LYS A 252 -22.88 16.23 11.59
CA LYS A 252 -23.41 15.27 12.55
C LYS A 252 -22.33 14.46 13.24
N GLU A 253 -22.62 14.08 14.48
CA GLU A 253 -21.78 13.15 15.18
C GLU A 253 -22.59 11.88 15.33
N MET A 254 -21.90 10.76 15.23
CA MET A 254 -22.52 9.45 15.26
C MET A 254 -21.77 8.57 16.22
N VAL A 255 -22.51 7.71 16.89
CA VAL A 255 -21.87 6.68 17.68
C VAL A 255 -22.35 5.35 17.14
N LEU A 256 -21.43 4.61 16.53
CA LEU A 256 -21.79 3.36 15.90
C LEU A 256 -21.21 2.20 16.70
N PRO A 257 -22.07 1.28 17.14
CA PRO A 257 -21.58 0.05 17.75
C PRO A 257 -20.97 -0.83 16.68
N VAL A 258 -19.86 -1.50 17.02
CA VAL A 258 -19.15 -2.35 16.07
C VAL A 258 -18.90 -3.73 16.63
N LYS A 259 -19.44 -4.75 15.99
CA LYS A 259 -19.10 -6.12 16.34
C LYS A 259 -17.91 -6.55 15.48
N PHE A 260 -17.95 -6.16 14.20
CA PHE A 260 -16.88 -6.44 13.26
C PHE A 260 -16.60 -5.21 12.41
N GLY A 261 -15.37 -4.74 12.41
CA GLY A 261 -15.03 -3.52 11.70
C GLY A 261 -13.70 -3.59 10.98
N MET A 262 -13.54 -2.78 9.95
CA MET A 262 -12.28 -2.69 9.22
C MET A 262 -12.17 -1.30 8.60
N MET A 263 -11.19 -0.52 9.05
CA MET A 263 -10.97 0.81 8.50
C MET A 263 -9.52 0.89 8.01
N ILE A 264 -9.33 1.30 6.76
CA ILE A 264 -7.98 1.51 6.25
C ILE A 264 -7.43 2.69 6.98
N PRO A 265 -6.24 2.52 7.61
CA PRO A 265 -5.66 3.65 8.32
C PRO A 265 -4.91 4.61 7.39
N ALA A 266 -4.61 5.78 7.93
CA ALA A 266 -3.72 6.72 7.31
C ALA A 266 -2.33 6.08 7.25
N PHE A 267 -1.54 6.40 6.23
CA PHE A 267 -0.15 5.96 6.12
C PHE A 267 0.80 7.10 6.55
N LYS A 268 1.86 6.75 7.28
CA LYS A 268 2.98 7.66 7.51
C LYS A 268 4.25 6.94 7.08
N GLY A 269 5.39 7.61 7.17
CA GLY A 269 6.67 6.96 6.92
C GLY A 269 7.08 6.13 8.14
N VAL A 270 7.82 5.04 7.94
CA VAL A 270 8.22 4.23 9.08
C VAL A 270 9.22 5.01 9.97
N PRO A 271 9.23 4.70 11.26
CA PRO A 271 10.03 5.47 12.23
C PRO A 271 11.52 5.60 11.91
N ALA A 272 12.16 4.51 11.46
CA ALA A 272 13.60 4.58 11.20
C ALA A 272 13.91 5.61 10.13
N VAL A 273 13.00 5.76 9.17
CA VAL A 273 13.21 6.71 8.06
C VAL A 273 12.78 8.13 8.45
N ALA A 274 11.59 8.25 9.03
CA ALA A 274 11.11 9.53 9.54
C ALA A 274 12.11 10.14 10.51
N GLY A 275 12.84 9.29 11.22
CA GLY A 275 13.79 9.72 12.22
C GLY A 275 15.07 10.35 11.70
N VAL A 276 15.30 10.25 10.39
CA VAL A 276 16.52 10.86 9.81
C VAL A 276 16.35 12.36 9.62
N GLU A 277 17.19 13.13 10.31
CA GLU A 277 17.05 14.58 10.28
C GLU A 277 17.08 15.14 8.86
N GLY A 278 16.09 15.96 8.51
CA GLY A 278 16.01 16.60 7.22
C GLY A 278 15.76 15.71 6.01
N LEU A 279 15.54 14.42 6.24
CA LEU A 279 15.26 13.53 5.11
C LEU A 279 13.79 13.58 4.60
N CYS A 280 12.85 13.85 5.50
CA CYS A 280 11.43 13.61 5.23
C CYS A 280 10.54 14.84 5.46
N ASN A 281 9.35 14.83 4.88
CA ASN A 281 8.35 15.83 5.25
C ASN A 281 7.76 15.47 6.61
N PRO A 282 6.78 16.26 7.11
CA PRO A 282 6.39 15.95 8.49
C PRO A 282 5.68 14.60 8.65
N GLY A 283 5.09 14.09 7.57
CA GLY A 283 4.47 12.77 7.60
C GLY A 283 5.46 11.63 7.59
N GLY A 284 6.75 11.94 7.42
CA GLY A 284 7.78 10.93 7.44
C GLY A 284 8.06 10.32 6.08
N PHE A 285 7.62 11.01 5.02
CA PHE A 285 7.86 10.55 3.66
C PHE A 285 9.11 11.19 3.09
N VAL A 286 9.95 10.41 2.41
CA VAL A 286 11.25 10.89 1.92
C VAL A 286 11.07 11.91 0.81
N LEU A 287 11.65 13.08 0.98
CA LEU A 287 11.62 14.10 -0.06
C LEU A 287 12.66 13.79 -1.14
N VAL A 288 12.19 13.50 -2.34
CA VAL A 288 13.09 13.11 -3.42
C VAL A 288 12.89 14.00 -4.63
N ASP A 289 13.86 14.03 -5.53
CA ASP A 289 13.68 14.76 -6.79
C ASP A 289 13.14 13.80 -7.82
N GLU A 290 13.06 14.26 -9.06
CA GLU A 290 12.47 13.46 -10.15
C GLU A 290 13.28 12.21 -10.45
N HIS A 291 14.51 12.17 -9.95
CA HIS A 291 15.38 11.03 -10.23
C HIS A 291 15.36 10.01 -9.09
N GLN A 292 14.47 10.24 -8.12
CA GLN A 292 14.29 9.39 -6.93
C GLN A 292 15.40 9.57 -5.88
N ARG A 293 16.21 10.62 -6.04
CA ARG A 293 17.30 10.89 -5.11
C ARG A 293 16.85 11.82 -3.99
N SER A 294 17.22 11.49 -2.76
CA SER A 294 16.94 12.37 -1.62
C SER A 294 17.41 13.78 -1.90
N LYS A 295 16.62 14.78 -1.53
CA LYS A 295 17.02 16.17 -1.74
C LYS A 295 18.19 16.55 -0.83
N LYS A 296 18.33 15.86 0.29
CA LYS A 296 19.41 16.20 1.22
C LYS A 296 20.64 15.33 1.02
N TYR A 297 20.45 14.01 0.93
CA TYR A 297 21.59 13.11 0.82
C TYR A 297 21.73 12.53 -0.58
N ALA A 298 22.81 12.87 -1.27
CA ALA A 298 23.04 12.41 -2.64
C ALA A 298 23.14 10.88 -2.77
N ASN A 299 23.49 10.19 -1.70
CA ASN A 299 23.62 8.72 -1.78
C ASN A 299 22.42 7.98 -1.19
N ILE A 300 21.33 8.71 -0.99
CA ILE A 300 20.08 8.09 -0.55
C ILE A 300 19.02 8.27 -1.60
N PHE A 301 18.48 7.15 -2.06
CA PHE A 301 17.39 7.17 -3.03
C PHE A 301 16.17 6.53 -2.35
N ALA A 302 15.01 6.71 -2.95
CA ALA A 302 13.82 6.08 -2.37
C ALA A 302 12.76 5.76 -3.42
N ALA A 303 11.91 4.81 -3.09
CA ALA A 303 10.88 4.39 -4.04
C ALA A 303 9.72 3.83 -3.27
N GLY A 304 8.55 3.84 -3.89
CA GLY A 304 7.38 3.20 -3.33
C GLY A 304 6.58 4.16 -2.47
N ILE A 305 5.76 3.60 -1.58
CA ILE A 305 4.94 4.44 -0.70
C ILE A 305 5.81 5.36 0.16
N ALA A 306 7.06 4.95 0.33
CA ALA A 306 7.99 5.70 1.18
C ALA A 306 8.29 7.11 0.73
N ILE A 307 8.14 7.41 -0.56
CA ILE A 307 8.44 8.78 -1.01
C ILE A 307 7.30 9.74 -0.79
N ALA A 308 7.64 11.02 -0.70
CA ALA A 308 6.66 12.09 -0.66
C ALA A 308 6.17 12.47 -2.05
N ILE A 309 4.86 12.67 -2.17
CA ILE A 309 4.27 13.24 -3.39
C ILE A 309 3.30 14.30 -2.94
N PRO A 310 3.51 15.55 -3.37
CA PRO A 310 2.71 16.70 -2.96
C PRO A 310 1.23 16.52 -3.32
N PRO A 311 0.33 16.97 -2.46
CA PRO A 311 -1.11 16.92 -2.73
C PRO A 311 -1.45 17.85 -3.89
N VAL A 312 -2.63 17.67 -4.47
CA VAL A 312 -3.07 18.51 -5.57
C VAL A 312 -4.46 19.02 -5.29
N GLU A 313 -5.06 18.54 -4.20
CA GLU A 313 -6.31 19.08 -3.69
C GLU A 313 -6.31 18.96 -2.17
N THR A 314 -7.24 19.65 -1.53
CA THR A 314 -7.37 19.57 -0.08
C THR A 314 -8.83 19.32 0.27
N THR A 315 -9.14 18.10 0.68
CA THR A 315 -10.53 17.67 0.92
C THR A 315 -11.06 18.05 2.31
N PRO A 316 -12.40 18.19 2.43
CA PRO A 316 -13.01 18.57 3.72
C PRO A 316 -12.36 17.77 4.86
N VAL A 317 -12.38 16.45 4.76
CA VAL A 317 -11.63 15.59 5.67
C VAL A 317 -10.34 15.16 4.97
N PRO A 318 -9.19 15.35 5.63
CA PRO A 318 -7.90 15.01 5.03
C PRO A 318 -7.92 13.66 4.30
N THR A 319 -7.38 13.63 3.09
CA THR A 319 -7.20 12.38 2.35
C THR A 319 -5.92 12.45 1.54
N GLY A 320 -5.39 11.29 1.15
CA GLY A 320 -4.24 11.24 0.26
C GLY A 320 -4.51 10.49 -1.04
N ALA A 321 -3.64 10.70 -2.02
CA ALA A 321 -3.69 9.96 -3.26
C ALA A 321 -2.81 8.73 -3.15
N PRO A 322 -3.26 7.61 -3.74
CA PRO A 322 -2.53 6.35 -3.61
C PRO A 322 -1.26 6.30 -4.47
N LYS A 323 -0.32 5.48 -4.04
CA LYS A 323 0.89 5.22 -4.79
C LYS A 323 0.81 3.76 -5.15
N THR A 324 0.67 3.47 -6.44
CA THR A 324 0.35 2.12 -6.84
C THR A 324 1.44 1.47 -7.68
N GLY A 325 1.20 0.24 -8.11
CA GLY A 325 2.25 -0.70 -8.45
C GLY A 325 3.09 -0.36 -9.65
N TYR A 326 2.42 0.09 -10.72
CA TYR A 326 3.17 0.42 -11.92
C TYR A 326 4.07 1.65 -11.72
N MET A 327 3.56 2.66 -11.05
CA MET A 327 4.37 3.84 -10.75
C MET A 327 5.49 3.51 -9.79
N ILE A 328 5.22 2.63 -8.84
CA ILE A 328 6.27 2.22 -7.90
C ILE A 328 7.39 1.52 -8.66
N GLU A 329 7.03 0.65 -9.59
CA GLU A 329 8.05 -0.03 -10.35
C GLU A 329 8.86 0.96 -11.21
N SER A 330 8.21 2.03 -11.67
CA SER A 330 8.94 3.01 -12.49
C SER A 330 9.94 3.77 -11.63
N MET A 331 9.53 4.08 -10.41
CA MET A 331 10.42 4.71 -9.45
C MET A 331 11.62 3.81 -9.17
N VAL A 332 11.36 2.52 -8.97
CA VAL A 332 12.43 1.57 -8.65
C VAL A 332 13.40 1.52 -9.81
N SER A 333 12.85 1.35 -11.01
CA SER A 333 13.66 1.28 -12.21
C SER A 333 14.53 2.52 -12.37
N ALA A 334 13.94 3.69 -12.12
CA ALA A 334 14.70 4.94 -12.19
C ALA A 334 15.82 5.00 -11.15
N ALA A 335 15.51 4.65 -9.90
CA ALA A 335 16.53 4.71 -8.85
C ALA A 335 17.71 3.80 -9.15
N VAL A 336 17.42 2.61 -9.66
CA VAL A 336 18.47 1.66 -10.00
C VAL A 336 19.36 2.20 -11.09
N HIS A 337 18.74 2.73 -12.14
CA HIS A 337 19.49 3.28 -13.27
C HIS A 337 20.41 4.40 -12.79
N ASN A 338 19.87 5.27 -11.95
CA ASN A 338 20.58 6.46 -11.52
C ASN A 338 21.66 6.20 -10.46
N ILE A 339 21.51 5.12 -9.70
CA ILE A 339 22.57 4.72 -8.79
C ILE A 339 23.71 4.16 -9.63
N LYS A 340 23.37 3.35 -10.61
CA LYS A 340 24.38 2.79 -11.51
C LYS A 340 25.16 3.93 -12.17
N ALA A 341 24.44 4.91 -12.71
CA ALA A 341 25.04 6.07 -13.33
C ALA A 341 26.01 6.79 -12.38
N ASP A 342 25.58 6.99 -11.14
CA ASP A 342 26.43 7.60 -10.13
C ASP A 342 27.75 6.84 -9.97
N LEU A 343 27.66 5.52 -9.93
CA LEU A 343 28.83 4.67 -9.73
C LEU A 343 29.79 4.74 -10.90
N GLU A 344 29.40 5.50 -11.93
CA GLU A 344 30.17 5.49 -13.16
C GLU A 344 30.46 6.91 -13.66
N GLY A 345 30.11 7.90 -12.85
CA GLY A 345 30.51 9.27 -13.09
C GLY A 345 29.50 10.24 -13.68
N ARG A 346 28.30 9.75 -13.98
CA ARG A 346 27.28 10.59 -14.62
C ARG A 346 26.10 10.87 -13.71
N LYS A 347 25.37 11.95 -14.02
CA LYS A 347 24.08 12.15 -13.39
C LYS A 347 23.05 11.33 -14.16
N GLY A 348 22.44 10.36 -13.50
CA GLY A 348 21.35 9.63 -14.08
C GLY A 348 20.25 10.59 -14.45
N GLU A 349 19.62 10.37 -15.60
CA GLU A 349 18.59 11.28 -16.04
C GLU A 349 17.20 10.65 -16.04
N GLN A 350 17.13 9.37 -15.68
CA GLN A 350 15.85 8.65 -15.75
C GLN A 350 14.90 9.10 -14.65
N THR A 351 13.63 9.26 -14.98
CA THR A 351 12.62 9.66 -14.01
C THR A 351 11.57 8.59 -13.88
N MET A 352 10.66 8.75 -12.92
CA MET A 352 9.57 7.78 -12.77
C MET A 352 8.52 7.93 -13.85
N GLY A 353 8.57 9.03 -14.59
CA GLY A 353 7.60 9.26 -15.64
C GLY A 353 6.31 9.94 -15.16
N THR A 354 5.26 9.80 -15.95
CA THR A 354 3.98 10.45 -15.65
C THR A 354 3.33 9.84 -14.41
N TRP A 355 2.81 10.68 -13.51
CA TRP A 355 2.09 10.14 -12.36
C TRP A 355 0.91 9.31 -12.87
N ASN A 356 0.65 8.16 -12.23
CA ASN A 356 -0.52 7.37 -12.59
C ASN A 356 -1.01 6.54 -11.42
N ALA A 357 -2.28 6.19 -11.44
CA ALA A 357 -2.82 5.28 -10.43
C ALA A 357 -3.52 4.11 -11.13
N VAL A 358 -3.23 2.90 -10.68
CA VAL A 358 -3.86 1.73 -11.25
C VAL A 358 -4.22 0.89 -10.06
N CYS A 359 -5.39 0.27 -10.12
CA CYS A 359 -5.85 -0.55 -9.01
CA CYS A 359 -5.85 -0.55 -9.00
C CYS A 359 -6.84 -1.57 -9.53
N PHE A 360 -6.69 -2.81 -9.10
CA PHE A 360 -7.58 -3.89 -9.51
C PHE A 360 -8.25 -4.44 -8.26
N ALA A 361 -9.57 -4.52 -8.29
CA ALA A 361 -10.32 -5.06 -7.15
C ALA A 361 -11.20 -6.22 -7.61
N ASP A 362 -10.88 -7.42 -7.12
CA ASP A 362 -11.58 -8.63 -7.53
C ASP A 362 -12.73 -8.94 -6.58
N MET A 363 -13.93 -9.09 -7.13
CA MET A 363 -15.11 -9.31 -6.31
C MET A 363 -15.45 -10.78 -6.16
N GLY A 364 -14.85 -11.60 -7.00
CA GLY A 364 -15.13 -13.03 -6.98
C GLY A 364 -15.14 -13.64 -8.38
N ASP A 365 -16.15 -13.27 -9.16
CA ASP A 365 -16.23 -13.69 -10.56
C ASP A 365 -15.98 -12.51 -11.49
N ARG A 366 -16.21 -11.31 -10.94
CA ARG A 366 -16.00 -10.06 -11.66
C ARG A 366 -15.14 -9.16 -10.79
N GLY A 367 -14.42 -8.25 -11.43
CA GLY A 367 -13.60 -7.30 -10.70
C GLY A 367 -13.84 -5.92 -11.25
N ALA A 368 -13.40 -4.92 -10.49
CA ALA A 368 -13.39 -3.55 -10.98
C ALA A 368 -11.93 -3.11 -10.99
N ALA A 369 -11.57 -2.28 -11.96
CA ALA A 369 -10.21 -1.75 -11.95
C ALA A 369 -10.25 -0.35 -12.50
N PHE A 370 -9.29 0.47 -12.11
CA PHE A 370 -9.19 1.81 -12.65
C PHE A 370 -7.80 2.16 -13.11
N ILE A 371 -7.75 3.03 -14.11
CA ILE A 371 -6.50 3.58 -14.61
C ILE A 371 -6.68 5.08 -14.78
N ALA A 372 -5.82 5.84 -14.12
CA ALA A 372 -5.94 7.28 -14.19
C ALA A 372 -4.58 7.91 -14.41
N LEU A 373 -4.48 8.85 -15.34
CA LEU A 373 -3.23 9.59 -15.53
C LEU A 373 -3.42 10.79 -16.47
N PRO A 374 -2.75 11.90 -16.19
CA PRO A 374 -1.86 12.04 -15.02
C PRO A 374 -2.69 12.33 -13.79
N GLN A 375 -2.15 13.08 -12.82
CA GLN A 375 -2.86 13.22 -11.56
C GLN A 375 -4.02 14.21 -11.65
N LEU A 376 -3.79 15.34 -12.30
CA LEU A 376 -4.82 16.38 -12.37
C LEU A 376 -5.65 16.24 -13.63
N LYS A 377 -6.90 16.68 -13.56
CA LYS A 377 -7.82 16.64 -14.68
C LYS A 377 -7.70 17.93 -15.45
N PRO A 378 -8.01 17.91 -16.74
CA PRO A 378 -8.50 16.73 -17.47
C PRO A 378 -7.36 15.74 -17.79
N ARG A 379 -7.64 14.45 -17.63
CA ARG A 379 -6.63 13.42 -17.74
C ARG A 379 -6.50 12.92 -19.16
N LYS A 380 -5.40 12.22 -19.42
CA LYS A 380 -5.19 11.55 -20.71
C LYS A 380 -5.84 10.17 -20.70
N VAL A 381 -5.93 9.56 -19.52
CA VAL A 381 -6.66 8.30 -19.37
C VAL A 381 -7.43 8.37 -18.06
N ASP A 382 -8.72 8.10 -18.11
CA ASP A 382 -9.56 8.17 -16.91
C ASP A 382 -10.61 7.07 -16.95
N VAL A 383 -10.17 5.84 -16.69
CA VAL A 383 -11.00 4.68 -16.95
C VAL A 383 -11.34 3.89 -15.71
N PHE A 384 -12.60 3.51 -15.58
CA PHE A 384 -13.00 2.65 -14.51
C PHE A 384 -13.78 1.54 -15.16
N ALA A 385 -13.29 0.31 -15.04
CA ALA A 385 -13.87 -0.82 -15.76
C ALA A 385 -14.34 -1.90 -14.81
N TYR A 386 -15.39 -2.61 -15.22
CA TYR A 386 -15.92 -3.70 -14.41
C TYR A 386 -16.18 -4.88 -15.33
N GLY A 387 -15.87 -6.08 -14.87
CA GLY A 387 -16.15 -7.26 -15.68
C GLY A 387 -15.43 -8.50 -15.17
N ARG A 388 -15.86 -9.66 -15.62
CA ARG A 388 -15.17 -10.88 -15.24
C ARG A 388 -13.74 -10.88 -15.78
N TRP A 389 -13.51 -10.17 -16.87
CA TRP A 389 -12.15 -10.09 -17.43
C TRP A 389 -11.18 -9.34 -16.51
N VAL A 390 -11.73 -8.49 -15.63
CA VAL A 390 -10.88 -7.83 -14.64
C VAL A 390 -10.45 -8.85 -13.60
N HIS A 391 -11.39 -9.68 -13.18
CA HIS A 391 -11.08 -10.75 -12.24
C HIS A 391 -10.00 -11.64 -12.83
N LEU A 392 -10.13 -11.97 -14.11
CA LEU A 392 -9.19 -12.88 -14.74
C LEU A 392 -7.80 -12.25 -14.81
N ALA A 393 -7.74 -10.93 -15.02
CA ALA A 393 -6.44 -10.23 -15.08
C ALA A 393 -5.76 -10.14 -13.72
N LYS A 394 -6.54 -9.97 -12.67
CA LYS A 394 -5.99 -9.89 -11.32
C LYS A 394 -5.37 -11.21 -10.93
N VAL A 395 -6.07 -12.29 -11.27
CA VAL A 395 -5.61 -13.64 -11.03
C VAL A 395 -4.34 -13.88 -11.79
N ALA A 396 -4.34 -13.47 -13.05
CA ALA A 396 -3.19 -13.66 -13.91
C ALA A 396 -1.98 -12.86 -13.44
N PHE A 397 -2.22 -11.65 -12.96
CA PHE A 397 -1.13 -10.78 -12.56
C PHE A 397 -0.48 -11.23 -11.27
N GLU A 398 -1.29 -11.61 -10.29
CA GLU A 398 -0.75 -12.11 -9.04
C GLU A 398 0.15 -13.33 -9.30
N LYS A 399 -0.29 -14.22 -10.19
CA LYS A 399 0.50 -15.41 -10.48
C LYS A 399 1.86 -15.01 -11.09
N TYR A 400 1.80 -14.08 -12.02
CA TYR A 400 2.97 -13.54 -12.72
C TYR A 400 3.98 -12.92 -11.77
N PHE A 401 3.49 -12.00 -10.93
CA PHE A 401 4.34 -11.20 -10.06
C PHE A 401 5.01 -12.08 -9.03
N ILE A 402 4.25 -13.01 -8.48
CA ILE A 402 4.81 -13.93 -7.50
C ILE A 402 5.90 -14.79 -8.15
N ARG A 403 5.64 -15.27 -9.36
CA ARG A 403 6.65 -16.01 -10.08
C ARG A 403 7.89 -15.15 -10.33
N LYS A 404 7.68 -13.91 -10.78
CA LYS A 404 8.81 -13.00 -11.05
C LYS A 404 9.63 -12.71 -9.80
N MET A 405 9.00 -12.77 -8.64
CA MET A 405 9.71 -12.46 -7.41
C MET A 405 10.57 -13.62 -6.94
N LYS A 406 10.24 -14.82 -7.42
CA LYS A 406 11.05 -16.01 -7.14
C LYS A 406 12.13 -16.22 -8.20
N MET A 407 11.82 -15.88 -9.45
CA MET A 407 12.75 -16.16 -10.55
C MET A 407 13.74 -15.05 -10.82
N GLY A 408 13.44 -13.84 -10.35
CA GLY A 408 14.30 -12.70 -10.62
C GLY A 408 13.75 -11.79 -11.68
N VAL A 409 14.11 -10.52 -11.57
CA VAL A 409 13.68 -9.48 -12.49
C VAL A 409 14.94 -8.84 -13.04
N SER A 410 15.01 -8.64 -14.34
CA SER A 410 16.22 -8.12 -14.97
C SER A 410 16.50 -6.65 -14.62
N GLU A 411 15.72 -5.68 -15.12
CA GLU A 411 14.69 -5.83 -16.14
C GLU A 411 14.00 -4.49 -16.39
N PRO A 412 13.64 -4.25 -17.65
CA PRO A 412 12.58 -3.27 -17.91
C PRO A 412 11.26 -3.95 -17.59
N PHE A 413 10.93 -4.04 -16.30
CA PHE A 413 9.90 -4.95 -15.81
C PHE A 413 8.71 -5.18 -16.74
N TYR A 414 7.71 -4.31 -16.69
CA TYR A 414 6.48 -4.55 -17.46
C TYR A 414 6.67 -4.41 -18.96
N GLU A 415 7.13 -5.51 -19.56
CA GLU A 415 6.86 -5.78 -20.95
C GLU A 415 5.64 -6.69 -20.94
N LYS A 416 4.84 -6.56 -19.88
CA LYS A 416 3.50 -7.13 -19.84
C LYS A 416 2.63 -6.26 -20.73
N VAL A 417 3.15 -6.00 -21.91
CA VAL A 417 2.45 -5.26 -22.95
C VAL A 417 2.41 -6.13 -24.21
N LEU A 418 3.24 -7.17 -24.22
CA LEU A 418 3.26 -8.11 -25.34
C LEU A 418 2.07 -9.09 -25.31
N PHE A 419 1.00 -8.69 -24.62
CA PHE A 419 -0.29 -9.29 -24.90
C PHE A 419 -0.82 -8.58 -26.15
N LYS A 420 0.03 -7.71 -26.68
CA LYS A 420 -0.22 -7.00 -27.92
C LYS A 420 0.62 -7.59 -29.04
N MET A 421 1.94 -7.66 -28.80
CA MET A 421 2.92 -8.10 -29.80
C MET A 421 2.85 -9.61 -30.02
PA FAD B . 5.48 -2.52 0.89
O1A FAD B . 4.60 -2.31 2.09
O2A FAD B . 5.07 -3.51 -0.16
O5B FAD B . 6.96 -2.98 1.39
C5B FAD B . 7.65 -2.27 2.38
C4B FAD B . 8.64 -3.26 3.00
O4B FAD B . 9.51 -2.62 3.89
C3B FAD B . 7.88 -4.31 3.81
O3B FAD B . 8.43 -5.55 3.46
C2B FAD B . 8.17 -3.99 5.25
O2B FAD B . 8.21 -5.16 6.03
C1B FAD B . 9.56 -3.34 5.12
N9A FAD B . 9.91 -2.45 6.25
C8A FAD B . 9.16 -1.48 6.85
N7A FAD B . 9.90 -0.91 7.84
C5A FAD B . 11.11 -1.51 7.86
C6A FAD B . 12.24 -1.33 8.67
N6A FAD B . 12.34 -0.31 9.52
N1A FAD B . 13.34 -2.12 8.43
C2A FAD B . 13.32 -3.07 7.44
N3A FAD B . 12.21 -3.25 6.66
C4A FAD B . 11.12 -2.47 6.88
N1 FAD B . -1.37 -1.21 -5.75
C2 FAD B . -1.68 -1.56 -7.05
O2 FAD B . -1.04 -1.10 -8.01
N3 FAD B . -2.73 -2.41 -7.28
C4 FAD B . -3.47 -2.97 -6.27
O4 FAD B . -4.40 -3.73 -6.55
C4X FAD B . -3.16 -2.62 -4.95
N5 FAD B . -3.89 -3.15 -3.91
C5X FAD B . -3.56 -2.81 -2.62
C6 FAD B . -4.27 -3.36 -1.56
C7 FAD B . -3.95 -3.01 -0.26
C7M FAD B . -4.73 -3.60 0.88
C8 FAD B . -2.90 -2.12 -0.01
C8M FAD B . -2.54 -1.75 1.40
C9 FAD B . -2.17 -1.58 -1.07
C9A FAD B . -2.50 -1.92 -2.37
N10 FAD B . -1.77 -1.39 -3.42
C10 FAD B . -2.09 -1.75 -4.70
C1' FAD B . -0.69 -0.40 -3.13
C2' FAD B . 0.76 -0.70 -3.35
O2' FAD B . 0.95 -1.27 -4.62
C3' FAD B . 1.13 -1.60 -2.21
O3' FAD B . 0.90 -0.91 -1.00
C4' FAD B . 2.61 -1.93 -2.32
O4' FAD B . 2.84 -3.05 -1.51
C5' FAD B . 3.48 -0.77 -1.82
O5' FAD B . 4.82 -1.11 -2.15
P FAD B . 6.05 -0.65 -1.24
O1P FAD B . 7.25 -1.36 -1.85
O2P FAD B . 6.13 0.85 -1.19
O3P FAD B . 5.75 -1.06 0.28
O2 DCQ C . 2.64 -3.94 -8.98
C2 DCQ C . 1.29 -3.98 -9.32
C3 DCQ C . 0.38 -4.58 -8.47
O3 DCQ C . 0.80 -5.13 -7.26
C3M DCQ C . 1.03 -4.32 -6.17
C4 DCQ C . -0.97 -4.61 -8.82
O4 DCQ C . -1.88 -5.27 -8.04
C4M DCQ C . -2.34 -6.49 -8.49
C5 DCQ C . -1.41 -4.04 -10.02
O5 DCQ C . -2.77 -4.08 -10.32
C1 DCQ C . 0.84 -3.42 -10.52
C1M DCQ C . 1.82 -2.78 -11.45
C6 DCQ C . -0.51 -3.45 -10.87
C7 DCQ C . -0.97 -2.87 -12.18
C8 DCQ C . -1.90 -3.69 -13.02
C9 DCQ C . -1.35 -4.40 -14.23
C10 DCQ C . -1.44 -3.70 -15.55
C11 DCQ C . -0.51 -2.56 -15.82
C12 DCQ C . -1.00 -1.17 -15.57
C13 DCQ C . -1.18 -0.25 -16.74
C14 DCQ C . -0.26 0.92 -16.87
C15 DCQ C . -0.84 2.24 -17.26
C16 DCQ C . -1.65 2.33 -18.51
S3 S3H D . -5.50 -0.26 -5.06
S2 S3H D . -5.46 1.65 -4.26
S1 S3H D . -3.95 1.83 -2.87
S H2S E . -4.50 0.21 -5.80
S H2S F . -3.84 1.84 -2.12
S H2S G . -6.82 2.39 -4.35
S H2S H . -3.11 -3.48 8.35
S SO4 I . 31.31 -1.16 2.82
O1 SO4 I . 29.99 -0.53 2.78
O2 SO4 I . 32.34 -0.11 2.81
O3 SO4 I . 31.43 -1.94 4.05
O4 SO4 I . 31.48 -2.04 1.67
#